data_7CVX
#
_entry.id   7CVX
#
_cell.length_a   101.871
_cell.length_b   42.778
_cell.length_c   98.606
_cell.angle_alpha   90.000
_cell.angle_beta   90.000
_cell.angle_gamma   90.000
#
_symmetry.space_group_name_H-M   'P 21 21 21'
#
loop_
_entity.id
_entity.type
_entity.pdbx_description
1 polymer 'O-methyltransferase family 3'
2 non-polymer S-ADENOSYL-L-HOMOCYSTEINE
3 non-polymer '3,4-DIHYDROXYBENZOIC ACID'
4 non-polymer 'MAGNESIUM ION'
5 non-polymer GLYCEROL
6 water water
#
_entity_poly.entity_id   1
_entity_poly.type   'polypeptide(L)'
_entity_poly.pdbx_seq_one_letter_code
;MNNQIFESVDHYISDLLGYEDDALLAATNSLAEAGMPAISVSPNQGKFLQLLAQLCQAKNILELGTLAGYSTIWMARALP
KNGRLITLEYDPKHAAVAQKNIDRAGLTSQVQIRTGKAIDILPQLVEEGAGPFDMIFIDADKPPYTEYFQWALRLSRPGT
LIVADNVIRDGKVLDENSTEPAVQGARRFNAMLGANTAVDATILQMVGVKEYDGMALAIVKLEHHHHHH
;
_entity_poly.pdbx_strand_id   A,B
#
# COMPACT_ATOMS: atom_id res chain seq x y z
N ASN A 3 -19.91 -10.78 0.74
CA ASN A 3 -19.03 -9.83 -0.01
C ASN A 3 -19.77 -8.54 -0.39
N GLN A 4 -21.07 -8.42 -0.11
CA GLN A 4 -21.76 -7.22 -0.66
C GLN A 4 -21.17 -5.92 -0.08
N ILE A 5 -20.89 -5.86 1.21
CA ILE A 5 -20.42 -4.58 1.83
C ILE A 5 -19.10 -4.20 1.18
N PHE A 6 -18.24 -5.19 0.91
CA PHE A 6 -16.90 -4.89 0.36
C PHE A 6 -17.08 -4.31 -1.05
N GLU A 7 -17.97 -4.89 -1.85
CA GLU A 7 -18.25 -4.38 -3.21
C GLU A 7 -18.83 -2.96 -3.12
N SER A 8 -19.80 -2.72 -2.24
CA SER A 8 -20.44 -1.39 -2.12
C SER A 8 -19.40 -0.34 -1.70
N VAL A 9 -18.56 -0.67 -0.74
CA VAL A 9 -17.48 0.25 -0.32
C VAL A 9 -16.48 0.47 -1.49
N ASP A 10 -16.13 -0.56 -2.24
CA ASP A 10 -15.23 -0.41 -3.40
C ASP A 10 -15.86 0.56 -4.40
N HIS A 11 -17.16 0.49 -4.65
CA HIS A 11 -17.84 1.41 -5.62
C HIS A 11 -17.82 2.86 -5.09
N TYR A 12 -18.07 3.03 -3.79
CA TYR A 12 -17.94 4.32 -3.07
C TYR A 12 -16.54 4.90 -3.35
N ILE A 13 -15.48 4.10 -3.13
CA ILE A 13 -14.07 4.56 -3.33
C ILE A 13 -13.78 4.87 -4.82
N SER A 14 -14.18 4.01 -5.76
CA SER A 14 -13.90 4.25 -7.20
C SER A 14 -14.67 5.48 -7.69
N ASP A 15 -15.85 5.75 -7.11
CA ASP A 15 -16.65 6.96 -7.44
C ASP A 15 -15.86 8.21 -7.01
N LEU A 16 -15.08 8.20 -5.94
CA LEU A 16 -14.28 9.35 -5.48
C LEU A 16 -12.93 9.37 -6.20
N LEU A 17 -12.27 8.22 -6.35
CA LEU A 17 -10.81 8.20 -6.60
C LEU A 17 -10.38 7.18 -7.64
N GLY A 18 -11.32 6.55 -8.38
CA GLY A 18 -11.04 5.42 -9.29
C GLY A 18 -11.64 5.63 -10.67
N TYR A 19 -11.60 6.86 -11.19
CA TYR A 19 -12.14 7.21 -12.52
C TYR A 19 -11.35 6.45 -13.59
N GLU A 20 -12.08 5.82 -14.51
CA GLU A 20 -11.55 5.04 -15.66
C GLU A 20 -11.95 5.69 -16.99
N ASP A 21 -10.95 6.14 -17.75
CA ASP A 21 -11.12 6.72 -19.09
C ASP A 21 -11.51 5.63 -20.10
N ASP A 22 -11.67 6.02 -21.35
CA ASP A 22 -12.12 5.11 -22.42
C ASP A 22 -11.10 3.97 -22.56
N ALA A 23 -9.79 4.25 -22.52
CA ALA A 23 -8.79 3.20 -22.74
C ALA A 23 -8.92 2.08 -21.68
N LEU A 24 -9.12 2.44 -20.40
CA LEU A 24 -9.29 1.41 -19.35
C LEU A 24 -10.62 0.67 -19.54
N LEU A 25 -11.71 1.39 -19.85
CA LEU A 25 -13.01 0.72 -20.04
C LEU A 25 -12.92 -0.20 -21.25
N ALA A 26 -12.20 0.21 -22.29
CA ALA A 26 -12.09 -0.59 -23.52
C ALA A 26 -11.27 -1.85 -23.22
N ALA A 27 -10.28 -1.73 -22.36
CA ALA A 27 -9.43 -2.88 -22.01
C ALA A 27 -10.32 -3.89 -21.29
N THR A 28 -11.19 -3.44 -20.40
CA THR A 28 -12.12 -4.36 -19.70
C THR A 28 -13.09 -4.97 -20.70
N ASN A 29 -13.66 -4.15 -21.58
CA ASN A 29 -14.70 -4.63 -22.54
C ASN A 29 -14.06 -5.68 -23.46
N SER A 30 -12.75 -5.60 -23.72
CA SER A 30 -12.07 -6.48 -24.69
C SER A 30 -12.04 -7.93 -24.17
N LEU A 31 -12.12 -8.14 -22.86
CA LEU A 31 -11.96 -9.49 -22.23
C LEU A 31 -13.07 -10.42 -22.69
N ALA A 32 -14.32 -10.01 -22.57
CA ALA A 32 -15.42 -10.92 -22.93
C ALA A 32 -15.43 -11.16 -24.44
N GLU A 33 -15.28 -10.14 -25.27
CA GLU A 33 -15.32 -10.36 -26.74
C GLU A 33 -14.15 -11.26 -27.17
N ALA A 34 -13.01 -11.23 -26.46
CA ALA A 34 -11.83 -12.06 -26.82
C ALA A 34 -11.88 -13.46 -26.18
N GLY A 35 -12.92 -13.76 -25.40
CA GLY A 35 -13.06 -14.99 -24.60
C GLY A 35 -11.97 -15.14 -23.54
N MET A 36 -11.57 -14.03 -22.95
CA MET A 36 -10.50 -14.04 -21.91
C MET A 36 -11.17 -14.02 -20.55
N PRO A 37 -10.49 -14.60 -19.52
CA PRO A 37 -11.05 -14.63 -18.18
C PRO A 37 -11.08 -13.23 -17.56
N ALA A 38 -12.10 -12.97 -16.75
CA ALA A 38 -12.39 -11.66 -16.11
C ALA A 38 -11.57 -11.53 -14.83
N ILE A 39 -10.26 -11.49 -14.95
CA ILE A 39 -9.36 -11.60 -13.78
C ILE A 39 -8.39 -10.40 -13.73
N SER A 40 -8.61 -9.29 -14.44
CA SER A 40 -7.78 -8.07 -14.32
C SER A 40 -7.81 -7.61 -12.85
N VAL A 41 -6.83 -6.80 -12.45
CA VAL A 41 -6.98 -6.05 -11.16
C VAL A 41 -8.23 -5.16 -11.25
N SER A 42 -8.81 -4.87 -10.11
CA SER A 42 -9.93 -3.90 -10.00
C SER A 42 -9.43 -2.47 -10.26
N PRO A 43 -10.33 -1.54 -10.62
CA PRO A 43 -10.00 -0.12 -10.78
C PRO A 43 -9.20 0.46 -9.60
N ASN A 44 -9.65 0.18 -8.37
CA ASN A 44 -8.97 0.72 -7.16
C ASN A 44 -7.60 0.08 -6.97
N GLN A 45 -7.45 -1.22 -7.27
CA GLN A 45 -6.12 -1.90 -7.27
C GLN A 45 -5.25 -1.27 -8.34
N GLY A 46 -5.83 -0.96 -9.48
CA GLY A 46 -5.11 -0.31 -10.57
C GLY A 46 -4.50 1.03 -10.12
N LYS A 47 -5.33 1.85 -9.53
CA LYS A 47 -4.90 3.14 -8.96
C LYS A 47 -3.82 2.91 -7.90
N PHE A 48 -3.97 1.91 -7.03
CA PHE A 48 -2.94 1.63 -6.00
C PHE A 48 -1.59 1.27 -6.64
N LEU A 49 -1.59 0.44 -7.69
CA LEU A 49 -0.34 0.07 -8.43
C LEU A 49 0.26 1.34 -9.05
N GLN A 50 -0.58 2.22 -9.57
CA GLN A 50 -0.11 3.50 -10.17
C GLN A 50 0.57 4.33 -9.06
N LEU A 51 -0.05 4.48 -7.90
CA LEU A 51 0.54 5.26 -6.78
C LEU A 51 1.86 4.64 -6.31
N LEU A 52 1.95 3.32 -6.23
CA LEU A 52 3.24 2.67 -5.87
C LEU A 52 4.30 3.00 -6.93
N ALA A 53 3.94 3.00 -8.22
CA ALA A 53 4.93 3.31 -9.26
C ALA A 53 5.38 4.77 -9.09
N GLN A 54 4.47 5.66 -8.71
CA GLN A 54 4.86 7.07 -8.47
C GLN A 54 5.78 7.17 -7.25
N LEU A 55 5.55 6.42 -6.18
CA LEU A 55 6.41 6.48 -4.97
C LEU A 55 7.80 5.97 -5.29
N CYS A 56 7.91 5.00 -6.19
CA CYS A 56 9.16 4.39 -6.70
C CYS A 56 9.84 5.37 -7.65
N GLN A 57 9.16 6.44 -8.06
CA GLN A 57 9.61 7.32 -9.15
C GLN A 57 10.08 6.42 -10.29
N ALA A 58 9.28 5.41 -10.63
CA ALA A 58 9.67 4.35 -11.57
C ALA A 58 9.94 4.92 -12.96
N LYS A 59 11.05 4.51 -13.57
CA LYS A 59 11.38 4.82 -14.98
C LYS A 59 11.35 3.51 -15.77
N ASN A 60 11.52 2.38 -15.09
CA ASN A 60 11.63 1.05 -15.76
C ASN A 60 10.82 0.05 -14.94
N ILE A 61 9.75 -0.49 -15.53
CA ILE A 61 8.80 -1.40 -14.79
C ILE A 61 8.77 -2.72 -15.56
N LEU A 62 8.76 -3.83 -14.83
CA LEU A 62 8.57 -5.18 -15.40
C LEU A 62 7.25 -5.76 -14.85
N GLU A 63 6.44 -6.32 -15.72
CA GLU A 63 5.17 -6.99 -15.35
C GLU A 63 5.19 -8.40 -15.93
N LEU A 64 4.88 -9.41 -15.13
CA LEU A 64 4.64 -10.79 -15.61
C LEU A 64 3.12 -10.99 -15.58
N GLY A 65 2.55 -11.25 -16.75
CA GLY A 65 1.12 -11.54 -16.89
C GLY A 65 0.40 -10.29 -17.29
N THR A 66 0.18 -10.14 -18.59
CA THR A 66 -0.45 -8.91 -19.11
C THR A 66 -1.99 -9.00 -19.22
N LEU A 67 -2.50 -10.17 -19.58
CA LEU A 67 -3.93 -10.39 -19.91
C LEU A 67 -4.29 -9.39 -21.05
N ALA A 68 -5.15 -8.42 -20.75
CA ALA A 68 -5.63 -7.45 -21.76
C ALA A 68 -4.93 -6.11 -21.54
N GLY A 69 -4.03 -6.02 -20.58
CA GLY A 69 -3.19 -4.84 -20.37
C GLY A 69 -3.83 -3.82 -19.45
N TYR A 70 -4.84 -4.20 -18.68
CA TYR A 70 -5.53 -3.27 -17.78
C TYR A 70 -4.52 -2.81 -16.72
N SER A 71 -3.82 -3.74 -16.07
CA SER A 71 -2.87 -3.36 -14.98
C SER A 71 -1.72 -2.57 -15.61
N THR A 72 -1.33 -2.94 -16.83
CA THR A 72 -0.22 -2.35 -17.59
C THR A 72 -0.53 -0.87 -17.84
N ILE A 73 -1.77 -0.59 -18.23
CA ILE A 73 -2.15 0.84 -18.55
C ILE A 73 -2.01 1.69 -17.29
N TRP A 74 -2.56 1.21 -16.17
CA TRP A 74 -2.47 1.94 -14.87
C TRP A 74 -1.01 2.23 -14.52
N MET A 75 -0.13 1.25 -14.60
CA MET A 75 1.28 1.46 -14.19
C MET A 75 2.02 2.32 -15.21
N ALA A 76 1.77 2.10 -16.50
CA ALA A 76 2.58 2.78 -17.55
C ALA A 76 2.26 4.25 -17.52
N ARG A 77 1.07 4.60 -17.01
CA ARG A 77 0.65 6.02 -16.91
C ARG A 77 1.46 6.75 -15.85
N ALA A 78 2.21 6.05 -14.99
CA ALA A 78 3.03 6.68 -13.94
C ALA A 78 4.40 7.00 -14.52
N LEU A 79 4.72 6.52 -15.72
CA LEU A 79 6.10 6.62 -16.21
C LEU A 79 6.37 8.02 -16.73
N PRO A 80 7.63 8.48 -16.67
CA PRO A 80 8.03 9.68 -17.43
C PRO A 80 8.03 9.36 -18.93
N LYS A 81 8.20 10.38 -19.76
CA LYS A 81 8.10 10.25 -21.25
C LYS A 81 9.13 9.23 -21.72
N ASN A 82 10.27 9.18 -21.03
CA ASN A 82 11.49 8.41 -21.39
C ASN A 82 11.44 7.05 -20.68
N GLY A 83 10.37 6.80 -19.92
CA GLY A 83 10.23 5.55 -19.14
C GLY A 83 9.79 4.38 -20.02
N ARG A 84 9.92 3.15 -19.51
CA ARG A 84 9.62 1.92 -20.23
C ARG A 84 8.99 0.88 -19.30
N LEU A 85 8.03 0.16 -19.85
CA LEU A 85 7.39 -0.98 -19.14
C LEU A 85 7.54 -2.20 -20.05
N ILE A 86 8.09 -3.28 -19.55
CA ILE A 86 8.17 -4.57 -20.28
C ILE A 86 7.16 -5.51 -19.64
N THR A 87 6.25 -6.10 -20.41
CA THR A 87 5.27 -7.02 -19.79
C THR A 87 5.38 -8.34 -20.54
N LEU A 88 5.26 -9.43 -19.80
CA LEU A 88 5.43 -10.80 -20.32
C LEU A 88 4.07 -11.46 -20.34
N GLU A 89 3.72 -12.07 -21.46
CA GLU A 89 2.44 -12.80 -21.59
C GLU A 89 2.67 -14.06 -22.41
N TYR A 90 2.27 -15.22 -21.90
CA TYR A 90 2.42 -16.53 -22.60
C TYR A 90 1.44 -16.71 -23.76
N ASP A 91 0.22 -16.23 -23.62
CA ASP A 91 -0.86 -16.53 -24.58
C ASP A 91 -0.82 -15.54 -25.74
N PRO A 92 -0.46 -15.93 -26.99
CA PRO A 92 -0.34 -14.96 -28.08
C PRO A 92 -1.62 -14.19 -28.39
N LYS A 93 -2.77 -14.81 -28.13
CA LYS A 93 -4.07 -14.11 -28.27
C LYS A 93 -4.21 -13.00 -27.20
N HIS A 94 -3.91 -13.28 -25.93
CA HIS A 94 -3.89 -12.23 -24.88
C HIS A 94 -2.94 -11.11 -25.29
N ALA A 95 -1.74 -11.45 -25.74
CA ALA A 95 -0.70 -10.45 -26.10
C ALA A 95 -1.20 -9.55 -27.24
N ALA A 96 -1.90 -10.10 -28.24
CA ALA A 96 -2.45 -9.30 -29.37
C ALA A 96 -3.55 -8.34 -28.85
N VAL A 97 -4.39 -8.80 -27.94
CA VAL A 97 -5.51 -8.00 -27.37
C VAL A 97 -4.92 -6.86 -26.56
N ALA A 98 -3.95 -7.19 -25.68
CA ALA A 98 -3.21 -6.18 -24.89
C ALA A 98 -2.56 -5.16 -25.82
N GLN A 99 -1.96 -5.61 -26.93
CA GLN A 99 -1.29 -4.65 -27.83
C GLN A 99 -2.35 -3.65 -28.32
N LYS A 100 -3.49 -4.11 -28.83
CA LYS A 100 -4.56 -3.19 -29.29
C LYS A 100 -4.95 -2.21 -28.18
N ASN A 101 -5.05 -2.69 -26.96
CA ASN A 101 -5.54 -1.86 -25.83
C ASN A 101 -4.47 -0.83 -25.47
N ILE A 102 -3.19 -1.20 -25.53
CA ILE A 102 -2.06 -0.28 -25.20
C ILE A 102 -1.94 0.80 -26.30
N ASP A 103 -2.18 0.41 -27.54
CA ASP A 103 -2.18 1.34 -28.71
C ASP A 103 -3.30 2.36 -28.50
N ARG A 104 -4.50 1.88 -28.17
CA ARG A 104 -5.67 2.74 -27.91
C ARG A 104 -5.38 3.70 -26.76
N ALA A 105 -4.58 3.29 -25.78
CA ALA A 105 -4.19 4.15 -24.66
C ALA A 105 -3.05 5.12 -25.02
N GLY A 106 -2.48 5.05 -26.24
CA GLY A 106 -1.35 5.89 -26.69
C GLY A 106 -0.05 5.53 -26.00
N LEU A 107 0.08 4.28 -25.54
CA LEU A 107 1.30 3.85 -24.78
C LEU A 107 2.23 2.94 -25.58
N THR A 108 2.03 2.84 -26.91
CA THR A 108 2.79 1.94 -27.78
C THR A 108 4.28 2.17 -27.56
N SER A 109 4.71 3.45 -27.47
CA SER A 109 6.12 3.86 -27.37
C SER A 109 6.76 3.44 -26.06
N GLN A 110 6.00 3.29 -24.98
CA GLN A 110 6.59 3.11 -23.63
C GLN A 110 6.45 1.66 -23.15
N VAL A 111 5.64 0.87 -23.82
CA VAL A 111 5.30 -0.49 -23.32
C VAL A 111 5.79 -1.50 -24.35
N GLN A 112 6.52 -2.52 -23.91
CA GLN A 112 6.92 -3.63 -24.80
C GLN A 112 6.27 -4.91 -24.27
N ILE A 113 5.49 -5.56 -25.11
CA ILE A 113 4.86 -6.85 -24.75
C ILE A 113 5.73 -7.94 -25.34
N ARG A 114 6.17 -8.89 -24.52
CA ARG A 114 6.97 -10.03 -25.01
C ARG A 114 6.12 -11.28 -24.85
N THR A 115 5.97 -12.02 -25.95
CA THR A 115 5.04 -13.17 -25.97
C THR A 115 5.83 -14.46 -25.74
N GLY A 116 5.67 -15.05 -24.58
CA GLY A 116 6.26 -16.35 -24.22
C GLY A 116 6.17 -16.61 -22.73
N LYS A 117 6.61 -17.77 -22.29
CA LYS A 117 6.57 -18.13 -20.84
C LYS A 117 7.57 -17.23 -20.08
N ALA A 118 7.15 -16.68 -18.94
CA ALA A 118 8.00 -15.83 -18.09
C ALA A 118 9.29 -16.61 -17.74
N ILE A 119 9.19 -17.92 -17.47
CA ILE A 119 10.39 -18.67 -17.01
C ILE A 119 11.43 -18.77 -18.14
N ASP A 120 11.00 -18.66 -19.40
CA ASP A 120 11.91 -18.64 -20.56
C ASP A 120 12.42 -17.20 -20.78
N ILE A 121 11.57 -16.21 -20.61
CA ILE A 121 11.94 -14.79 -20.94
C ILE A 121 12.77 -14.14 -19.82
N LEU A 122 12.53 -14.47 -18.55
CA LEU A 122 13.29 -13.81 -17.46
C LEU A 122 14.78 -14.03 -17.66
N PRO A 123 15.30 -15.24 -17.96
CA PRO A 123 16.75 -15.35 -18.16
C PRO A 123 17.26 -14.57 -19.39
N GLN A 124 16.39 -14.37 -20.38
CA GLN A 124 16.67 -13.49 -21.55
C GLN A 124 16.90 -12.06 -21.06
N LEU A 125 16.04 -11.53 -20.20
CA LEU A 125 16.18 -10.18 -19.65
C LEU A 125 17.49 -10.08 -18.87
N VAL A 126 17.86 -11.14 -18.15
CA VAL A 126 19.18 -11.18 -17.45
C VAL A 126 20.29 -11.09 -18.50
N GLU A 127 20.25 -11.91 -19.53
CA GLU A 127 21.35 -11.89 -20.54
C GLU A 127 21.47 -10.51 -21.23
N GLU A 128 20.34 -9.85 -21.50
CA GLU A 128 20.25 -8.55 -22.20
C GLU A 128 20.71 -7.43 -21.26
N GLY A 129 20.76 -7.68 -19.97
CA GLY A 129 20.99 -6.56 -19.02
C GLY A 129 19.81 -5.59 -19.00
N ALA A 130 18.60 -6.11 -19.15
CA ALA A 130 17.36 -5.31 -19.23
C ALA A 130 17.07 -4.64 -17.90
N GLY A 131 17.60 -5.18 -16.82
CA GLY A 131 17.38 -4.56 -15.50
C GLY A 131 18.33 -3.40 -15.22
N PRO A 132 18.40 -2.88 -13.99
CA PRO A 132 17.44 -3.23 -12.97
C PRO A 132 16.12 -2.47 -13.16
N PHE A 133 15.07 -3.01 -12.58
CA PHE A 133 13.75 -2.36 -12.66
C PHE A 133 13.46 -1.69 -11.33
N ASP A 134 12.78 -0.55 -11.38
CA ASP A 134 12.39 0.22 -10.18
C ASP A 134 11.22 -0.49 -9.48
N MET A 135 10.37 -1.17 -10.25
CA MET A 135 9.18 -1.90 -9.72
C MET A 135 8.91 -3.11 -10.62
N ILE A 136 8.54 -4.23 -10.01
CA ILE A 136 8.27 -5.50 -10.74
C ILE A 136 6.92 -5.97 -10.22
N PHE A 137 5.98 -6.27 -11.11
CA PHE A 137 4.65 -6.80 -10.74
C PHE A 137 4.55 -8.24 -11.22
N ILE A 138 4.43 -9.16 -10.27
CA ILE A 138 4.34 -10.62 -10.58
C ILE A 138 2.86 -10.96 -10.53
N ASP A 139 2.29 -11.32 -11.70
CA ASP A 139 0.85 -11.57 -11.82
C ASP A 139 0.57 -12.56 -12.95
N ALA A 140 1.43 -13.59 -13.14
CA ALA A 140 1.28 -14.55 -14.26
C ALA A 140 0.63 -15.83 -13.74
N ASP A 141 1.12 -16.98 -14.19
CA ASP A 141 0.71 -18.27 -13.56
C ASP A 141 1.24 -18.33 -12.12
N LYS A 142 0.53 -19.05 -11.26
CA LYS A 142 0.67 -18.99 -9.79
C LYS A 142 1.68 -19.99 -9.23
N PRO A 143 1.74 -21.27 -9.67
CA PRO A 143 2.70 -22.23 -9.14
C PRO A 143 4.16 -21.75 -9.12
N PRO A 144 4.70 -21.10 -10.16
CA PRO A 144 6.11 -20.71 -10.17
C PRO A 144 6.38 -19.32 -9.55
N TYR A 145 5.43 -18.70 -8.85
CA TYR A 145 5.67 -17.38 -8.21
C TYR A 145 6.99 -17.38 -7.44
N THR A 146 7.27 -18.44 -6.68
CA THR A 146 8.54 -18.54 -5.91
C THR A 146 9.76 -18.35 -6.82
N GLU A 147 9.78 -18.99 -7.97
CA GLU A 147 10.94 -18.89 -8.89
C GLU A 147 10.97 -17.52 -9.59
N TYR A 148 9.79 -17.00 -9.97
CA TYR A 148 9.66 -15.64 -10.57
C TYR A 148 10.28 -14.65 -9.60
N PHE A 149 10.08 -14.85 -8.29
CA PHE A 149 10.65 -13.91 -7.28
C PHE A 149 12.18 -13.94 -7.33
N GLN A 150 12.78 -15.13 -7.48
CA GLN A 150 14.27 -15.25 -7.54
C GLN A 150 14.80 -14.53 -8.79
N TRP A 151 14.16 -14.68 -9.94
CA TRP A 151 14.54 -13.94 -11.17
C TRP A 151 14.36 -12.43 -10.97
N ALA A 152 13.28 -12.03 -10.34
CA ALA A 152 13.02 -10.61 -10.05
C ALA A 152 14.17 -10.01 -9.27
N LEU A 153 14.66 -10.72 -8.26
CA LEU A 153 15.85 -10.24 -7.47
C LEU A 153 17.07 -10.03 -8.38
N ARG A 154 17.27 -10.91 -9.36
CA ARG A 154 18.41 -10.81 -10.30
C ARG A 154 18.22 -9.58 -11.17
N LEU A 155 16.98 -9.06 -11.30
CA LEU A 155 16.65 -7.92 -12.19
C LEU A 155 16.27 -6.68 -11.34
N SER A 156 16.66 -6.68 -10.06
CA SER A 156 16.38 -5.59 -9.10
C SER A 156 17.65 -4.85 -8.75
N ARG A 157 17.48 -3.70 -8.12
CA ARG A 157 18.55 -2.96 -7.41
C ARG A 157 18.07 -2.67 -5.99
N PRO A 158 18.96 -2.23 -5.08
CA PRO A 158 18.51 -1.80 -3.76
C PRO A 158 17.37 -0.78 -3.87
N GLY A 159 16.23 -1.07 -3.23
CA GLY A 159 15.08 -0.17 -3.20
C GLY A 159 14.01 -0.57 -4.21
N THR A 160 14.29 -1.53 -5.10
CA THR A 160 13.27 -2.01 -6.09
C THR A 160 12.07 -2.51 -5.27
N LEU A 161 10.85 -2.19 -5.72
CA LEU A 161 9.58 -2.72 -5.18
C LEU A 161 9.12 -3.94 -6.01
N ILE A 162 8.82 -5.03 -5.34
CA ILE A 162 8.31 -6.25 -6.04
C ILE A 162 6.92 -6.45 -5.45
N VAL A 163 5.91 -6.51 -6.29
CA VAL A 163 4.50 -6.73 -5.86
C VAL A 163 4.03 -8.03 -6.47
N ALA A 164 3.41 -8.89 -5.68
CA ALA A 164 2.90 -10.18 -6.20
C ALA A 164 1.41 -10.22 -5.93
N ASP A 165 0.59 -10.42 -6.95
CA ASP A 165 -0.88 -10.43 -6.73
C ASP A 165 -1.40 -11.85 -6.42
N ASN A 166 -2.54 -11.95 -5.74
CA ASN A 166 -3.31 -13.22 -5.52
C ASN A 166 -2.56 -14.17 -4.59
N VAL A 167 -2.16 -13.69 -3.43
CA VAL A 167 -1.36 -14.54 -2.50
C VAL A 167 -2.17 -14.98 -1.28
N ILE A 168 -3.48 -14.69 -1.23
CA ILE A 168 -4.35 -15.10 -0.08
C ILE A 168 -5.46 -16.06 -0.55
N ARG A 169 -6.06 -15.84 -1.73
CA ARG A 169 -7.03 -16.80 -2.35
C ARG A 169 -8.16 -17.15 -1.36
N ASP A 170 -8.93 -16.15 -0.97
CA ASP A 170 -10.16 -16.34 -0.16
C ASP A 170 -9.82 -16.99 1.17
N GLY A 171 -8.55 -16.94 1.63
CA GLY A 171 -8.10 -17.50 2.92
C GLY A 171 -7.73 -18.95 2.77
N LYS A 172 -7.74 -19.47 1.55
CA LYS A 172 -7.46 -20.91 1.34
C LYS A 172 -5.98 -21.21 1.64
N VAL A 173 -5.09 -20.22 1.65
CA VAL A 173 -3.65 -20.40 1.96
C VAL A 173 -3.49 -20.93 3.38
N LEU A 174 -4.54 -20.86 4.19
CA LEU A 174 -4.47 -21.43 5.57
C LEU A 174 -4.53 -22.96 5.50
N ASP A 175 -5.04 -23.54 4.41
CA ASP A 175 -5.21 -25.01 4.29
C ASP A 175 -3.91 -25.63 3.78
N GLU A 176 -3.09 -26.17 4.70
CA GLU A 176 -1.78 -26.79 4.34
C GLU A 176 -2.02 -27.99 3.43
N ASN A 177 -3.24 -28.53 3.44
CA ASN A 177 -3.57 -29.73 2.61
C ASN A 177 -4.25 -29.34 1.29
N SER A 178 -4.22 -28.06 0.88
CA SER A 178 -4.97 -27.62 -0.32
C SER A 178 -4.40 -28.37 -1.53
N THR A 179 -5.29 -28.79 -2.42
CA THR A 179 -4.94 -29.46 -3.69
C THR A 179 -5.03 -28.50 -4.85
N GLU A 180 -5.39 -27.23 -4.64
CA GLU A 180 -5.55 -26.26 -5.74
C GLU A 180 -4.17 -25.74 -6.11
N PRO A 181 -3.74 -25.87 -7.37
CA PRO A 181 -2.44 -25.34 -7.79
C PRO A 181 -2.14 -23.88 -7.40
N ALA A 182 -3.12 -23.00 -7.56
CA ALA A 182 -2.98 -21.55 -7.28
C ALA A 182 -2.80 -21.33 -5.77
N VAL A 183 -3.42 -22.17 -4.93
CA VAL A 183 -3.28 -22.02 -3.45
C VAL A 183 -1.91 -22.54 -3.03
N GLN A 184 -1.53 -23.74 -3.46
CA GLN A 184 -0.18 -24.24 -3.20
C GLN A 184 0.89 -23.26 -3.72
N GLY A 185 0.72 -22.67 -4.91
CA GLY A 185 1.67 -21.66 -5.43
C GLY A 185 1.79 -20.48 -4.48
N ALA A 186 0.67 -19.97 -4.00
CA ALA A 186 0.63 -18.84 -3.04
C ALA A 186 1.33 -19.25 -1.74
N ARG A 187 0.99 -20.40 -1.17
CA ARG A 187 1.54 -20.82 0.14
C ARG A 187 3.06 -20.93 0.01
N ARG A 188 3.57 -21.49 -1.08
CA ARG A 188 5.02 -21.71 -1.22
C ARG A 188 5.70 -20.34 -1.34
N PHE A 189 5.11 -19.45 -2.11
CA PHE A 189 5.66 -18.09 -2.32
C PHE A 189 5.67 -17.38 -0.97
N ASN A 190 4.58 -17.43 -0.22
CA ASN A 190 4.49 -16.72 1.09
C ASN A 190 5.55 -17.27 2.06
N ALA A 191 5.71 -18.59 2.13
CA ALA A 191 6.79 -19.20 2.96
C ALA A 191 8.17 -18.69 2.51
N MET A 192 8.45 -18.60 1.20
CA MET A 192 9.74 -18.12 0.66
C MET A 192 9.91 -16.69 1.11
N LEU A 193 8.82 -15.92 1.04
CA LEU A 193 8.91 -14.50 1.33
C LEU A 193 9.24 -14.30 2.82
N GLY A 194 8.60 -15.07 3.71
CA GLY A 194 8.85 -15.09 5.16
C GLY A 194 10.30 -15.46 5.53
N ALA A 195 10.99 -16.24 4.70
CA ALA A 195 12.37 -16.73 4.95
C ALA A 195 13.39 -15.89 4.17
N ASN A 196 12.94 -14.94 3.35
CA ASN A 196 13.86 -14.21 2.45
C ASN A 196 14.54 -13.05 3.20
N THR A 197 15.86 -13.11 3.35
CA THR A 197 16.67 -12.03 3.98
C THR A 197 17.09 -10.95 2.95
N ALA A 198 16.74 -11.06 1.69
CA ALA A 198 17.16 -10.06 0.67
C ALA A 198 16.14 -8.92 0.60
N VAL A 199 14.99 -9.08 1.26
CA VAL A 199 13.90 -8.08 1.17
C VAL A 199 13.29 -7.86 2.55
N ASP A 200 12.65 -6.71 2.64
CA ASP A 200 11.65 -6.30 3.66
C ASP A 200 10.25 -6.45 3.05
N ALA A 201 9.33 -7.14 3.71
CA ALA A 201 8.05 -7.47 3.04
C ALA A 201 6.85 -7.50 3.99
N THR A 202 5.67 -7.42 3.36
CA THR A 202 4.35 -7.63 4.03
C THR A 202 3.40 -8.22 3.01
N ILE A 203 2.27 -8.64 3.51
CA ILE A 203 1.11 -9.07 2.67
C ILE A 203 -0.07 -8.22 3.09
N LEU A 204 -0.70 -7.57 2.11
CA LEU A 204 -1.96 -6.78 2.32
C LEU A 204 -3.15 -7.67 1.96
N GLN A 205 -4.05 -7.92 2.91
CA GLN A 205 -5.36 -8.52 2.61
C GLN A 205 -6.15 -7.53 1.76
N MET A 206 -6.84 -8.03 0.73
CA MET A 206 -7.58 -7.13 -0.16
C MET A 206 -9.01 -7.61 -0.34
N VAL A 207 -9.94 -6.69 -0.09
CA VAL A 207 -11.37 -6.95 -0.36
C VAL A 207 -11.90 -5.87 -1.30
N GLY A 208 -13.06 -6.10 -1.89
CA GLY A 208 -13.63 -5.15 -2.85
C GLY A 208 -14.53 -5.87 -3.82
N VAL A 209 -14.51 -5.43 -5.07
CA VAL A 209 -15.36 -6.04 -6.12
C VAL A 209 -14.87 -7.45 -6.43
N LYS A 210 -13.57 -7.74 -6.30
CA LYS A 210 -13.03 -9.09 -6.58
C LYS A 210 -13.10 -9.95 -5.32
N GLU A 211 -13.11 -11.26 -5.54
CA GLU A 211 -13.04 -12.26 -4.43
C GLU A 211 -11.91 -11.86 -3.47
N TYR A 212 -12.16 -12.03 -2.18
CA TYR A 212 -11.20 -11.80 -1.08
C TYR A 212 -9.83 -12.39 -1.46
N ASP A 213 -8.78 -11.46 -1.34
CA ASP A 213 -7.45 -11.90 -1.78
C ASP A 213 -6.39 -11.04 -1.11
N GLY A 214 -5.23 -11.00 -1.73
CA GLY A 214 -4.17 -10.19 -1.12
C GLY A 214 -2.99 -10.04 -2.07
N MET A 215 -2.19 -9.02 -1.80
CA MET A 215 -0.97 -8.75 -2.59
C MET A 215 0.21 -8.70 -1.62
N ALA A 216 1.32 -9.24 -2.04
CA ALA A 216 2.57 -9.16 -1.24
C ALA A 216 3.36 -7.96 -1.77
N LEU A 217 4.01 -7.23 -0.87
CA LEU A 217 4.85 -6.08 -1.28
C LEU A 217 6.22 -6.33 -0.65
N ALA A 218 7.28 -6.16 -1.42
CA ALA A 218 8.66 -6.42 -0.93
C ALA A 218 9.58 -5.32 -1.46
N ILE A 219 10.49 -4.85 -0.61
CA ILE A 219 11.51 -3.85 -1.01
C ILE A 219 12.87 -4.53 -0.89
N VAL A 220 13.64 -4.50 -1.97
CA VAL A 220 14.98 -5.12 -2.03
C VAL A 220 15.93 -4.33 -1.12
N LYS A 221 16.58 -5.01 -0.19
CA LYS A 221 17.57 -4.37 0.69
C LYS A 221 18.86 -4.12 -0.11
N ASN B 3 -15.74 -12.20 11.35
CA ASN B 3 -14.32 -11.69 11.16
C ASN B 3 -13.28 -12.82 11.27
N GLN B 4 -13.68 -14.07 11.49
CA GLN B 4 -12.73 -15.09 11.98
C GLN B 4 -11.71 -15.36 10.88
N ILE B 5 -12.13 -15.43 9.62
CA ILE B 5 -11.17 -15.77 8.54
C ILE B 5 -10.12 -14.65 8.44
N PHE B 6 -10.51 -13.39 8.57
CA PHE B 6 -9.57 -12.25 8.41
C PHE B 6 -8.57 -12.26 9.54
N GLU B 7 -9.03 -12.60 10.74
CA GLU B 7 -8.15 -12.67 11.93
C GLU B 7 -7.12 -13.79 11.72
N SER B 8 -7.57 -14.96 11.26
CA SER B 8 -6.71 -16.15 11.07
C SER B 8 -5.67 -15.85 10.00
N VAL B 9 -6.08 -15.21 8.91
CA VAL B 9 -5.15 -14.82 7.83
C VAL B 9 -4.16 -13.76 8.36
N ASP B 10 -4.61 -12.82 9.17
CA ASP B 10 -3.69 -11.79 9.68
C ASP B 10 -2.58 -12.47 10.50
N HIS B 11 -2.94 -13.42 11.38
CA HIS B 11 -1.95 -14.15 12.21
C HIS B 11 -0.99 -14.97 11.32
N TYR B 12 -1.52 -15.59 10.28
CA TYR B 12 -0.72 -16.30 9.24
C TYR B 12 0.32 -15.31 8.70
N ILE B 13 -0.13 -14.11 8.33
CA ILE B 13 0.76 -13.08 7.73
C ILE B 13 1.78 -12.62 8.77
N SER B 14 1.37 -12.30 10.00
CA SER B 14 2.32 -11.74 10.98
C SER B 14 3.31 -12.82 11.43
N ASP B 15 2.94 -14.12 11.45
CA ASP B 15 3.90 -15.23 11.71
C ASP B 15 5.02 -15.28 10.68
N LEU B 16 4.71 -14.91 9.43
CA LEU B 16 5.72 -14.89 8.33
C LEU B 16 6.47 -13.55 8.33
N LEU B 17 5.79 -12.41 8.54
CA LEU B 17 6.34 -11.08 8.15
C LEU B 17 5.99 -9.96 9.15
N GLY B 18 5.52 -10.29 10.34
CA GLY B 18 5.08 -9.27 11.28
C GLY B 18 5.75 -9.41 12.64
N TYR B 19 7.01 -9.83 12.70
CA TYR B 19 7.70 -10.07 14.01
C TYR B 19 7.79 -8.75 14.80
N GLU B 20 7.36 -8.84 16.07
CA GLU B 20 7.41 -7.74 17.07
C GLU B 20 8.46 -8.04 18.16
N ASP B 21 9.44 -7.16 18.28
CA ASP B 21 10.45 -7.21 19.38
C ASP B 21 9.84 -6.76 20.73
N ASP B 22 10.63 -6.83 21.80
CA ASP B 22 10.24 -6.37 23.17
C ASP B 22 9.71 -4.94 23.11
N ALA B 23 10.34 -4.02 22.37
CA ALA B 23 9.92 -2.60 22.38
C ALA B 23 8.46 -2.45 21.91
N LEU B 24 8.09 -3.17 20.84
CA LEU B 24 6.70 -3.07 20.33
C LEU B 24 5.77 -3.78 21.31
N LEU B 25 6.13 -4.98 21.78
CA LEU B 25 5.31 -5.73 22.73
C LEU B 25 5.12 -4.92 24.02
N ALA B 26 6.18 -4.22 24.47
CA ALA B 26 6.13 -3.36 25.68
C ALA B 26 5.20 -2.18 25.40
N ALA B 27 5.21 -1.60 24.20
CA ALA B 27 4.33 -0.46 23.89
C ALA B 27 2.87 -0.91 23.97
N THR B 28 2.54 -2.07 23.42
CA THR B 28 1.17 -2.62 23.52
C THR B 28 0.79 -2.85 24.99
N ASN B 29 1.69 -3.46 25.74
CA ASN B 29 1.44 -3.83 27.16
C ASN B 29 1.22 -2.55 27.97
N SER B 30 1.83 -1.44 27.56
CA SER B 30 1.71 -0.17 28.30
C SER B 30 0.27 0.39 28.31
N LEU B 31 -0.60 0.04 27.35
CA LEU B 31 -1.94 0.67 27.16
C LEU B 31 -2.84 0.37 28.35
N ALA B 32 -2.99 -0.91 28.70
CA ALA B 32 -3.94 -1.33 29.76
C ALA B 32 -3.61 -0.64 31.09
N GLU B 33 -2.33 -0.57 31.47
CA GLU B 33 -1.96 -0.03 32.80
C GLU B 33 -2.26 1.47 32.83
N ALA B 34 -2.36 2.12 31.69
CA ALA B 34 -2.64 3.58 31.57
C ALA B 34 -4.10 3.85 31.14
N GLY B 35 -4.95 2.85 31.01
CA GLY B 35 -6.38 3.06 30.67
C GLY B 35 -6.55 3.60 29.26
N MET B 36 -5.58 3.34 28.38
CA MET B 36 -5.55 3.83 26.99
C MET B 36 -6.24 2.79 26.08
N PRO B 37 -6.86 3.27 25.00
CA PRO B 37 -7.54 2.43 24.04
C PRO B 37 -6.56 1.54 23.28
N ALA B 38 -6.95 0.29 23.05
CA ALA B 38 -6.15 -0.70 22.30
C ALA B 38 -6.40 -0.50 20.80
N ILE B 39 -6.06 0.68 20.29
CA ILE B 39 -6.45 1.12 18.93
C ILE B 39 -5.19 1.45 18.11
N SER B 40 -3.97 1.07 18.53
CA SER B 40 -2.78 1.20 17.66
C SER B 40 -3.03 0.50 16.30
N VAL B 41 -2.23 0.86 15.30
CA VAL B 41 -2.13 0.03 14.06
C VAL B 41 -1.83 -1.43 14.47
N SER B 42 -2.32 -2.40 13.71
CA SER B 42 -1.94 -3.82 13.90
C SER B 42 -0.45 -3.95 13.57
N PRO B 43 0.23 -5.02 14.00
CA PRO B 43 1.59 -5.34 13.55
C PRO B 43 1.74 -5.29 12.02
N ASN B 44 0.80 -5.88 11.28
CA ASN B 44 0.96 -5.93 9.79
C ASN B 44 0.77 -4.52 9.18
N GLN B 45 -0.18 -3.75 9.72
CA GLN B 45 -0.32 -2.32 9.35
C GLN B 45 0.96 -1.58 9.69
N GLY B 46 1.57 -1.86 10.85
CA GLY B 46 2.85 -1.21 11.24
C GLY B 46 3.95 -1.53 10.25
N LYS B 47 4.04 -2.77 9.77
CA LYS B 47 5.10 -3.14 8.79
C LYS B 47 4.81 -2.39 7.47
N PHE B 48 3.54 -2.32 7.07
CA PHE B 48 3.12 -1.60 5.86
C PHE B 48 3.55 -0.12 5.94
N LEU B 49 3.28 0.55 7.06
CA LEU B 49 3.71 1.98 7.20
C LEU B 49 5.22 2.08 7.15
N GLN B 50 5.95 1.13 7.75
CA GLN B 50 7.42 1.08 7.68
C GLN B 50 7.87 0.97 6.21
N LEU B 51 7.26 0.07 5.45
CA LEU B 51 7.59 -0.13 4.03
C LEU B 51 7.25 1.12 3.21
N LEU B 52 6.14 1.79 3.48
CA LEU B 52 5.82 3.07 2.78
C LEU B 52 6.89 4.12 3.12
N ALA B 53 7.33 4.19 4.36
CA ALA B 53 8.41 5.12 4.76
C ALA B 53 9.68 4.78 3.97
N GLN B 54 9.98 3.50 3.73
CA GLN B 54 11.22 3.12 3.02
C GLN B 54 11.09 3.48 1.56
N LEU B 55 9.89 3.34 0.98
CA LEU B 55 9.65 3.70 -0.44
C LEU B 55 9.81 5.22 -0.63
N CYS B 56 9.33 5.99 0.34
CA CYS B 56 9.48 7.46 0.45
C CYS B 56 10.94 7.87 0.66
N GLN B 57 11.81 6.92 1.02
CA GLN B 57 13.18 7.19 1.49
C GLN B 57 13.07 8.30 2.53
N ALA B 58 12.17 8.12 3.48
CA ALA B 58 11.80 9.21 4.40
C ALA B 58 13.01 9.56 5.29
N LYS B 59 13.30 10.85 5.44
CA LYS B 59 14.22 11.44 6.46
C LYS B 59 13.45 12.23 7.53
N ASN B 60 12.31 12.81 7.18
CA ASN B 60 11.49 13.65 8.08
C ASN B 60 10.05 13.14 7.99
N ILE B 61 9.51 12.65 9.10
CA ILE B 61 8.09 12.16 9.19
C ILE B 61 7.32 13.00 10.20
N LEU B 62 6.05 13.28 9.88
CA LEU B 62 5.11 13.92 10.81
C LEU B 62 3.98 12.95 11.14
N GLU B 63 3.67 12.75 12.41
CA GLU B 63 2.55 11.91 12.84
C GLU B 63 1.60 12.70 13.74
N LEU B 64 0.31 12.69 13.40
CA LEU B 64 -0.75 13.27 14.27
C LEU B 64 -1.40 12.12 15.03
N GLY B 65 -1.27 12.07 16.36
CA GLY B 65 -1.94 11.07 17.20
C GLY B 65 -0.96 9.99 17.60
N THR B 66 -0.31 10.15 18.75
CA THR B 66 0.80 9.27 19.18
C THR B 66 0.27 8.03 19.89
N LEU B 67 -0.76 8.17 20.72
CA LEU B 67 -1.17 7.12 21.68
C LEU B 67 0.08 6.65 22.43
N ALA B 68 0.49 5.38 22.30
CA ALA B 68 1.55 4.79 23.12
C ALA B 68 2.83 4.73 22.28
N GLY B 69 2.78 5.30 21.06
CA GLY B 69 3.94 5.31 20.16
C GLY B 69 4.12 4.02 19.36
N TYR B 70 3.14 3.12 19.33
CA TYR B 70 3.27 1.88 18.52
C TYR B 70 3.53 2.19 17.03
N SER B 71 2.65 2.94 16.34
CA SER B 71 2.85 3.32 14.92
C SER B 71 4.17 4.08 14.82
N THR B 72 4.46 4.91 15.83
CA THR B 72 5.66 5.77 15.83
C THR B 72 6.93 4.90 15.72
N ILE B 73 7.00 3.83 16.50
CA ILE B 73 8.19 2.92 16.53
C ILE B 73 8.34 2.25 15.15
N TRP B 74 7.26 1.70 14.59
CA TRP B 74 7.33 1.10 13.23
C TRP B 74 7.89 2.09 12.19
N MET B 75 7.41 3.33 12.16
CA MET B 75 7.82 4.31 11.13
C MET B 75 9.23 4.82 11.44
N ALA B 76 9.52 5.11 12.70
CA ALA B 76 10.82 5.70 13.06
C ALA B 76 11.95 4.72 12.70
N ARG B 77 11.67 3.43 12.74
CA ARG B 77 12.69 2.39 12.46
C ARG B 77 13.06 2.40 10.98
N ALA B 78 12.27 3.04 10.10
CA ALA B 78 12.62 3.18 8.65
C ALA B 78 13.62 4.33 8.48
N LEU B 79 13.77 5.19 9.48
CA LEU B 79 14.60 6.41 9.33
C LEU B 79 16.07 6.05 9.42
N PRO B 80 16.93 6.85 8.77
CA PRO B 80 18.35 6.84 9.08
C PRO B 80 18.47 7.48 10.47
N LYS B 81 19.66 7.36 11.06
CA LYS B 81 19.96 7.91 12.40
C LYS B 81 19.73 9.41 12.44
N ASN B 82 20.08 10.15 11.37
CA ASN B 82 19.91 11.63 11.30
C ASN B 82 18.49 11.98 10.83
N GLY B 83 17.63 10.97 10.70
CA GLY B 83 16.20 11.17 10.41
C GLY B 83 15.46 11.62 11.66
N ARG B 84 14.33 12.29 11.48
CA ARG B 84 13.51 12.76 12.61
C ARG B 84 12.04 12.50 12.34
N LEU B 85 11.34 12.18 13.39
CA LEU B 85 9.89 11.99 13.36
C LEU B 85 9.33 12.90 14.43
N ILE B 86 8.39 13.75 14.06
CA ILE B 86 7.66 14.63 15.01
C ILE B 86 6.28 14.02 15.20
N THR B 87 5.85 13.76 16.43
CA THR B 87 4.52 13.15 16.64
C THR B 87 3.75 14.05 17.61
N LEU B 88 2.47 14.31 17.29
CA LEU B 88 1.61 15.26 18.03
C LEU B 88 0.62 14.48 18.88
N GLU B 89 0.45 14.88 20.12
CA GLU B 89 -0.47 14.16 21.04
C GLU B 89 -1.08 15.16 22.01
N TYR B 90 -2.40 15.13 22.08
CA TYR B 90 -3.19 16.06 22.91
C TYR B 90 -3.12 15.64 24.37
N ASP B 91 -3.17 14.33 24.66
CA ASP B 91 -3.31 13.89 26.08
C ASP B 91 -1.94 13.79 26.73
N PRO B 92 -1.63 14.55 27.81
CA PRO B 92 -0.31 14.45 28.40
C PRO B 92 -0.05 13.07 29.00
N LYS B 93 -1.09 12.34 29.44
CA LYS B 93 -0.96 10.94 29.93
C LYS B 93 -0.41 10.06 28.81
N HIS B 94 -0.92 10.23 27.61
CA HIS B 94 -0.53 9.39 26.45
C HIS B 94 0.91 9.77 26.10
N ALA B 95 1.22 11.07 26.08
CA ALA B 95 2.56 11.58 25.68
C ALA B 95 3.63 10.98 26.61
N ALA B 96 3.33 10.84 27.91
CA ALA B 96 4.31 10.37 28.92
C ALA B 96 4.55 8.85 28.71
N VAL B 97 3.49 8.09 28.42
CA VAL B 97 3.58 6.64 28.10
C VAL B 97 4.36 6.46 26.81
N ALA B 98 4.03 7.22 25.76
CA ALA B 98 4.73 7.16 24.46
C ALA B 98 6.22 7.49 24.68
N GLN B 99 6.56 8.49 25.49
CA GLN B 99 7.99 8.83 25.67
C GLN B 99 8.75 7.65 26.28
N LYS B 100 8.17 6.99 27.31
CA LYS B 100 8.77 5.78 27.93
C LYS B 100 9.00 4.70 26.88
N ASN B 101 8.00 4.47 26.03
CA ASN B 101 8.06 3.40 25.01
C ASN B 101 9.10 3.78 23.96
N ILE B 102 9.18 5.04 23.60
CA ILE B 102 10.16 5.49 22.56
C ILE B 102 11.58 5.37 23.18
N ASP B 103 11.75 5.72 24.45
CA ASP B 103 13.05 5.56 25.14
C ASP B 103 13.41 4.07 25.19
N ARG B 104 12.46 3.21 25.58
CA ARG B 104 12.74 1.78 25.60
C ARG B 104 13.21 1.28 24.20
N ALA B 105 12.67 1.81 23.10
CA ALA B 105 12.98 1.41 21.71
C ALA B 105 14.32 1.97 21.23
N GLY B 106 14.99 2.80 22.02
CA GLY B 106 16.26 3.46 21.62
C GLY B 106 16.05 4.57 20.61
N LEU B 107 14.86 5.19 20.55
CA LEU B 107 14.50 6.16 19.48
C LEU B 107 14.45 7.59 20.02
N THR B 108 14.97 7.85 21.22
CA THR B 108 14.89 9.16 21.92
C THR B 108 15.44 10.28 21.01
N SER B 109 16.56 10.05 20.34
CA SER B 109 17.21 11.04 19.45
C SER B 109 16.35 11.34 18.22
N GLN B 110 15.61 10.38 17.70
CA GLN B 110 14.98 10.54 16.37
C GLN B 110 13.53 11.01 16.50
N VAL B 111 12.91 10.88 17.68
CA VAL B 111 11.46 11.16 17.86
C VAL B 111 11.31 12.35 18.80
N GLN B 112 10.54 13.34 18.36
CA GLN B 112 10.09 14.47 19.22
C GLN B 112 8.58 14.37 19.40
N ILE B 113 8.15 14.15 20.63
CA ILE B 113 6.71 14.14 20.96
C ILE B 113 6.31 15.56 21.37
N ARG B 114 5.35 16.15 20.69
CA ARG B 114 4.83 17.49 21.05
C ARG B 114 3.44 17.33 21.62
N THR B 115 3.22 17.91 22.79
CA THR B 115 1.97 17.77 23.56
C THR B 115 1.07 18.97 23.29
N GLY B 116 -0.10 18.73 22.75
CA GLY B 116 -1.17 19.71 22.63
C GLY B 116 -2.12 19.31 21.53
N LYS B 117 -3.02 20.21 21.15
CA LYS B 117 -3.99 20.00 20.05
C LYS B 117 -3.25 20.09 18.73
N ALA B 118 -3.45 19.15 17.81
CA ALA B 118 -2.79 19.19 16.48
C ALA B 118 -3.08 20.54 15.79
N ILE B 119 -4.28 21.08 15.93
CA ILE B 119 -4.71 22.27 15.16
C ILE B 119 -3.97 23.49 15.71
N ASP B 120 -3.41 23.40 16.93
CA ASP B 120 -2.61 24.48 17.56
C ASP B 120 -1.13 24.32 17.18
N ILE B 121 -0.67 23.09 17.02
CA ILE B 121 0.78 22.80 16.77
C ILE B 121 1.09 22.93 15.28
N LEU B 122 0.19 22.53 14.39
CA LEU B 122 0.48 22.54 12.93
C LEU B 122 0.84 23.95 12.48
N PRO B 123 0.10 25.03 12.83
CA PRO B 123 0.52 26.37 12.43
C PRO B 123 1.87 26.75 13.07
N GLN B 124 2.20 26.25 14.25
CA GLN B 124 3.54 26.48 14.87
C GLN B 124 4.61 25.81 14.00
N LEU B 125 4.36 24.60 13.47
CA LEU B 125 5.33 23.87 12.63
C LEU B 125 5.58 24.66 11.35
N VAL B 126 4.53 25.23 10.74
CA VAL B 126 4.68 26.03 9.51
C VAL B 126 5.54 27.26 9.84
N GLU B 127 5.29 27.89 10.99
CA GLU B 127 5.97 29.14 11.44
C GLU B 127 7.46 28.86 11.71
N GLU B 128 7.79 27.71 12.29
CA GLU B 128 9.18 27.28 12.60
C GLU B 128 9.91 26.78 11.36
N GLY B 129 9.25 26.59 10.22
CA GLY B 129 9.85 25.90 9.05
C GLY B 129 10.27 24.46 9.36
N ALA B 130 9.44 23.71 10.12
CA ALA B 130 9.69 22.30 10.50
C ALA B 130 9.66 21.37 9.28
N GLY B 131 8.96 21.75 8.25
CA GLY B 131 8.82 20.89 7.06
C GLY B 131 9.99 21.05 6.11
N PRO B 132 9.84 20.56 4.87
CA PRO B 132 8.71 19.73 4.51
C PRO B 132 8.97 18.26 4.91
N PHE B 133 7.90 17.53 5.20
CA PHE B 133 7.98 16.11 5.57
C PHE B 133 7.86 15.21 4.35
N ASP B 134 8.56 14.10 4.38
CA ASP B 134 8.57 13.10 3.28
C ASP B 134 7.32 12.25 3.37
N MET B 135 6.85 12.02 4.59
CA MET B 135 5.64 11.21 4.85
C MET B 135 4.91 11.83 6.02
N ILE B 136 3.60 11.87 5.92
CA ILE B 136 2.74 12.39 7.02
C ILE B 136 1.66 11.37 7.33
N PHE B 137 1.50 11.03 8.59
CA PHE B 137 0.50 10.03 9.07
C PHE B 137 -0.52 10.77 9.94
N ILE B 138 -1.74 10.89 9.45
CA ILE B 138 -2.89 11.56 10.12
C ILE B 138 -3.69 10.48 10.85
N ASP B 139 -3.66 10.49 12.17
CA ASP B 139 -4.30 9.42 12.96
C ASP B 139 -4.75 9.94 14.32
N ALA B 140 -5.28 11.16 14.41
CA ALA B 140 -5.62 11.78 15.70
C ALA B 140 -7.15 11.64 15.89
N ASP B 141 -7.83 12.65 16.39
CA ASP B 141 -9.30 12.67 16.36
C ASP B 141 -9.77 12.85 14.91
N LYS B 142 -10.98 12.35 14.63
CA LYS B 142 -11.46 12.12 13.24
C LYS B 142 -12.21 13.33 12.67
N PRO B 143 -13.09 14.05 13.42
CA PRO B 143 -13.80 15.21 12.86
C PRO B 143 -12.94 16.23 12.11
N PRO B 144 -11.76 16.66 12.60
CA PRO B 144 -10.96 17.67 11.89
C PRO B 144 -10.02 17.09 10.83
N TYR B 145 -10.17 15.82 10.45
CA TYR B 145 -9.26 15.20 9.44
C TYR B 145 -9.16 16.12 8.24
N THR B 146 -10.31 16.62 7.76
CA THR B 146 -10.27 17.49 6.55
C THR B 146 -9.30 18.67 6.74
N GLU B 147 -9.32 19.35 7.88
CA GLU B 147 -8.44 20.51 8.14
C GLU B 147 -7.01 20.02 8.41
N TYR B 148 -6.81 18.89 9.08
CA TYR B 148 -5.44 18.34 9.27
C TYR B 148 -4.79 18.16 7.89
N PHE B 149 -5.56 17.72 6.91
CA PHE B 149 -5.02 17.42 5.56
C PHE B 149 -4.55 18.72 4.91
N GLN B 150 -5.33 19.80 5.08
CA GLN B 150 -4.97 21.16 4.54
C GLN B 150 -3.65 21.66 5.13
N TRP B 151 -3.45 21.48 6.44
CA TRP B 151 -2.16 21.77 7.13
C TRP B 151 -1.03 20.85 6.63
N ALA B 152 -1.30 19.57 6.43
CA ALA B 152 -0.31 18.59 5.94
C ALA B 152 0.22 19.07 4.58
N LEU B 153 -0.65 19.53 3.69
CA LEU B 153 -0.24 20.08 2.37
C LEU B 153 0.69 21.28 2.56
N ARG B 154 0.44 22.14 3.54
CA ARG B 154 1.34 23.28 3.83
C ARG B 154 2.71 22.80 4.36
N LEU B 155 2.82 21.57 4.87
CA LEU B 155 4.07 20.99 5.43
C LEU B 155 4.62 19.88 4.52
N SER B 156 4.17 19.81 3.26
CA SER B 156 4.58 18.79 2.25
C SER B 156 5.53 19.37 1.22
N ARG B 157 6.17 18.52 0.41
CA ARG B 157 6.82 18.93 -0.86
C ARG B 157 6.25 18.04 -1.95
N PRO B 158 6.50 18.34 -3.24
CA PRO B 158 6.04 17.43 -4.29
C PRO B 158 6.55 16.01 -4.02
N GLY B 159 5.66 15.03 -4.06
CA GLY B 159 6.07 13.63 -3.84
C GLY B 159 5.83 13.19 -2.42
N THR B 160 5.47 14.11 -1.51
CA THR B 160 5.17 13.75 -0.09
C THR B 160 4.04 12.74 -0.11
N LEU B 161 4.15 11.71 0.73
CA LEU B 161 3.07 10.73 0.95
C LEU B 161 2.30 11.12 2.20
N ILE B 162 0.98 11.28 2.08
CA ILE B 162 0.08 11.51 3.24
C ILE B 162 -0.78 10.25 3.40
N VAL B 163 -0.76 9.71 4.62
CA VAL B 163 -1.58 8.53 4.96
C VAL B 163 -2.57 8.96 6.04
N ALA B 164 -3.84 8.60 5.86
CA ALA B 164 -4.86 8.86 6.89
C ALA B 164 -5.53 7.56 7.31
N ASP B 165 -5.51 7.24 8.59
CA ASP B 165 -6.09 5.97 9.08
C ASP B 165 -7.57 6.12 9.42
N ASN B 166 -8.30 5.00 9.41
CA ASN B 166 -9.69 4.88 9.91
C ASN B 166 -10.69 5.66 9.06
N VAL B 167 -10.65 5.47 7.75
CA VAL B 167 -11.56 6.27 6.87
C VAL B 167 -12.70 5.42 6.28
N ILE B 168 -12.89 4.19 6.76
CA ILE B 168 -13.99 3.32 6.23
C ILE B 168 -14.98 2.94 7.36
N ARG B 169 -14.45 2.62 8.53
CA ARG B 169 -15.29 2.45 9.76
C ARG B 169 -16.38 1.40 9.53
N ASP B 170 -15.98 0.19 9.14
CA ASP B 170 -16.85 -1.02 9.06
C ASP B 170 -17.90 -0.80 7.97
N GLY B 171 -17.61 0.06 6.98
CA GLY B 171 -18.51 0.41 5.86
C GLY B 171 -19.54 1.47 6.24
N LYS B 172 -19.53 1.97 7.48
CA LYS B 172 -20.50 3.01 7.92
C LYS B 172 -20.34 4.33 7.16
N VAL B 173 -19.25 4.56 6.44
CA VAL B 173 -19.11 5.77 5.59
C VAL B 173 -20.13 5.73 4.45
N LEU B 174 -20.74 4.59 4.15
CA LEU B 174 -21.79 4.54 3.11
C LEU B 174 -23.06 5.19 3.67
N ASP B 175 -23.14 5.47 4.98
CA ASP B 175 -24.40 5.92 5.63
C ASP B 175 -24.39 7.46 5.69
N GLU B 176 -25.11 8.12 4.80
CA GLU B 176 -25.15 9.61 4.73
C GLU B 176 -25.83 10.16 5.97
N ASN B 177 -26.62 9.34 6.67
CA ASN B 177 -27.33 9.78 7.91
C ASN B 177 -26.65 9.26 9.18
N SER B 178 -25.36 8.92 9.13
CA SER B 178 -24.65 8.42 10.33
C SER B 178 -24.73 9.46 11.44
N THR B 179 -24.95 9.01 12.67
CA THR B 179 -25.02 9.88 13.87
C THR B 179 -23.66 9.97 14.56
N GLU B 180 -22.65 9.27 14.05
CA GLU B 180 -21.33 9.08 14.72
C GLU B 180 -20.37 10.13 14.17
N PRO B 181 -19.92 11.12 14.98
CA PRO B 181 -19.00 12.14 14.48
C PRO B 181 -17.73 11.58 13.82
N ALA B 182 -17.19 10.45 14.27
CA ALA B 182 -15.98 9.89 13.64
C ALA B 182 -16.33 9.42 12.22
N VAL B 183 -17.52 8.85 12.04
CA VAL B 183 -18.00 8.40 10.70
C VAL B 183 -18.24 9.64 9.84
N GLN B 184 -18.95 10.64 10.37
CA GLN B 184 -19.15 11.92 9.66
C GLN B 184 -17.80 12.52 9.29
N GLY B 185 -16.78 12.42 10.15
CA GLY B 185 -15.47 13.03 9.87
C GLY B 185 -14.76 12.35 8.70
N ALA B 186 -14.83 11.04 8.69
CA ALA B 186 -14.25 10.21 7.60
C ALA B 186 -14.96 10.54 6.28
N ARG B 187 -16.29 10.65 6.29
CA ARG B 187 -17.09 10.95 5.07
C ARG B 187 -16.68 12.30 4.51
N ARG B 188 -16.49 13.28 5.38
CA ARG B 188 -16.14 14.65 4.92
C ARG B 188 -14.71 14.61 4.37
N PHE B 189 -13.81 13.91 5.07
CA PHE B 189 -12.41 13.74 4.64
C PHE B 189 -12.39 13.08 3.26
N ASN B 190 -13.16 12.01 3.07
CA ASN B 190 -13.10 11.20 1.81
C ASN B 190 -13.67 12.06 0.66
N ALA B 191 -14.75 12.81 0.90
CA ALA B 191 -15.26 13.80 -0.07
C ALA B 191 -14.17 14.81 -0.45
N MET B 192 -13.50 15.41 0.54
CA MET B 192 -12.42 16.40 0.31
C MET B 192 -11.35 15.78 -0.58
N LEU B 193 -10.97 14.53 -0.26
CA LEU B 193 -9.88 13.83 -0.94
C LEU B 193 -10.27 13.57 -2.40
N GLY B 194 -11.50 13.11 -2.65
CA GLY B 194 -12.13 13.03 -3.99
C GLY B 194 -12.06 14.33 -4.78
N ALA B 195 -12.13 15.50 -4.13
CA ALA B 195 -12.22 16.85 -4.76
C ALA B 195 -10.84 17.46 -4.94
N ASN B 196 -9.85 16.90 -4.28
CA ASN B 196 -8.56 17.58 -4.11
C ASN B 196 -7.75 17.44 -5.40
N THR B 197 -7.31 18.55 -5.96
CA THR B 197 -6.52 18.55 -7.21
C THR B 197 -5.02 18.61 -6.91
N ALA B 198 -4.60 18.69 -5.66
CA ALA B 198 -3.17 18.80 -5.32
C ALA B 198 -2.53 17.43 -5.12
N VAL B 199 -3.33 16.38 -5.04
CA VAL B 199 -2.81 15.01 -4.74
C VAL B 199 -3.39 14.00 -5.73
N ASP B 200 -2.64 12.92 -5.91
CA ASP B 200 -3.16 11.65 -6.45
C ASP B 200 -3.47 10.71 -5.26
N ALA B 201 -4.65 10.12 -5.20
CA ALA B 201 -5.06 9.37 -3.97
C ALA B 201 -5.91 8.12 -4.24
N THR B 202 -5.93 7.25 -3.22
CA THR B 202 -6.78 6.06 -3.18
C THR B 202 -7.15 5.81 -1.73
N ILE B 203 -8.09 4.92 -1.58
CA ILE B 203 -8.39 4.37 -0.24
C ILE B 203 -8.22 2.84 -0.32
N LEU B 204 -7.49 2.27 0.63
CA LEU B 204 -7.26 0.81 0.78
C LEU B 204 -8.20 0.30 1.85
N GLN B 205 -9.12 -0.61 1.50
CA GLN B 205 -9.91 -1.35 2.54
C GLN B 205 -8.97 -2.32 3.29
N MET B 206 -9.13 -2.42 4.59
CA MET B 206 -8.23 -3.17 5.49
C MET B 206 -9.07 -4.08 6.38
N VAL B 207 -8.71 -5.35 6.33
CA VAL B 207 -9.28 -6.39 7.20
C VAL B 207 -8.11 -7.07 7.91
N GLY B 208 -8.41 -7.73 9.01
CA GLY B 208 -7.42 -8.51 9.76
C GLY B 208 -7.88 -8.65 11.18
N VAL B 209 -6.99 -8.46 12.14
CA VAL B 209 -7.29 -8.64 13.59
C VAL B 209 -8.22 -7.52 14.08
N LYS B 210 -8.13 -6.31 13.51
CA LYS B 210 -8.92 -5.15 13.93
C LYS B 210 -10.23 -5.13 13.13
N GLU B 211 -11.14 -4.31 13.60
CA GLU B 211 -12.42 -4.11 12.89
C GLU B 211 -12.16 -3.60 11.47
N TYR B 212 -12.95 -4.11 10.54
CA TYR B 212 -12.97 -3.71 9.12
C TYR B 212 -12.88 -2.19 9.03
N ASP B 213 -11.90 -1.71 8.29
CA ASP B 213 -11.65 -0.25 8.17
C ASP B 213 -10.88 0.02 6.86
N GLY B 214 -10.18 1.15 6.79
CA GLY B 214 -9.43 1.49 5.58
C GLY B 214 -8.51 2.66 5.84
N MET B 215 -7.52 2.82 4.97
CA MET B 215 -6.55 3.92 5.08
C MET B 215 -6.52 4.64 3.73
N ALA B 216 -6.43 5.96 3.79
CA ALA B 216 -6.28 6.77 2.56
C ALA B 216 -4.80 6.97 2.34
N LEU B 217 -4.35 6.89 1.08
CA LEU B 217 -2.97 7.15 0.64
C LEU B 217 -3.06 8.27 -0.40
N ALA B 218 -2.28 9.34 -0.24
CA ALA B 218 -2.27 10.47 -1.16
C ALA B 218 -0.84 10.88 -1.43
N ILE B 219 -0.48 11.12 -2.70
CA ILE B 219 0.86 11.65 -3.05
C ILE B 219 0.72 13.04 -3.67
N VAL B 220 1.46 13.99 -3.09
CA VAL B 220 1.38 15.42 -3.50
C VAL B 220 2.02 15.50 -4.89
N LYS B 221 1.31 16.06 -5.87
CA LYS B 221 1.72 15.98 -7.29
C LYS B 221 3.04 16.75 -7.51
N LEU B 222 3.83 16.33 -8.51
CA LEU B 222 5.17 16.91 -8.82
C LEU B 222 5.00 18.18 -9.70
#